data_6RIU
#
_entry.id   6RIU
#
_cell.length_a   1
_cell.length_b   1
_cell.length_c   1
_cell.angle_alpha   90
_cell.angle_beta   90
_cell.angle_gamma   90
#
_symmetry.space_group_name_H-M   'P 1'
#
_entity_poly.entity_id   1
_entity_poly.type   'polypeptide(L)'
_entity_poly.pdbx_seq_one_letter_code
;MEMTEYRQCVAKPISSSNPVGERLVDHPLFDFIEDQMMKVGSLSHASVQWDEVEHSTLKLLGEQSKDIKLLVYLLQCLHN
QVTPTRLITSFAVMSEFLNQYWNDSYPAPGARGNLPRRKFFSQMAQRFTTVIEKFDFHHLDEADRQALQAAVEEWQQAVE
KQGLSSELVESVVVRITAEIKRAEQRQQVTAQSSAERETPSAATSSPAASMVVDHSSDKAAKQTLLKVADFLAEQEFGIA
LSIRLRRFAVWGSITSLPDHKPDGETLLRGMQADRVKDYQDQLRHPDLALWRKVEQSLTMAPYWFEGQWMSYTIAQQLGK
SDWCQAIAEETQQFLRRLPSLLELKFKGGEPFVSDSVKEWLASVGQSQGAAGQSVGGDWQEKRKEAFQLAKEGGIAVALS
MLNDGLVSAVEPRDKFYWRLLSADLLRANHLDAMAGEQYQTLLNQVTTLSVPEWEPSLVEQIQRYTTSE
;
_entity_poly.pdbx_strand_id   A,B
#
# COMPACT_ATOMS: atom_id res chain seq x y z
N GLY A 376 -1.11 -4.35 9.21
CA GLY A 376 -0.43 -4.05 7.91
C GLY A 376 0.57 -5.12 7.53
N GLY A 377 0.53 -5.60 6.29
CA GLY A 377 1.30 -6.77 5.92
C GLY A 377 2.79 -6.59 6.02
N ASP A 378 3.37 -5.77 5.15
CA ASP A 378 4.81 -5.50 5.26
C ASP A 378 5.10 -4.61 6.45
N TRP A 379 4.16 -3.72 6.79
CA TRP A 379 4.29 -2.96 8.02
C TRP A 379 4.54 -3.88 9.19
N GLN A 380 3.63 -4.84 9.42
CA GLN A 380 3.81 -5.73 10.55
C GLN A 380 4.91 -6.76 10.34
N GLU A 381 5.34 -7.04 9.11
CA GLU A 381 6.42 -8.00 8.94
C GLU A 381 7.71 -7.39 9.45
N LYS A 382 7.96 -6.12 9.13
CA LYS A 382 9.15 -5.45 9.63
C LYS A 382 8.97 -4.90 11.04
N ARG A 383 7.72 -4.66 11.46
CA ARG A 383 7.44 -4.08 12.76
C ARG A 383 7.99 -4.96 13.87
N LYS A 384 7.43 -6.16 13.99
CA LYS A 384 7.88 -7.03 15.06
C LYS A 384 9.29 -7.53 14.82
N GLU A 385 9.74 -7.51 13.56
CA GLU A 385 11.11 -7.93 13.28
C GLU A 385 12.15 -6.99 13.89
N ALA A 386 12.05 -5.69 13.65
CA ALA A 386 12.96 -4.77 14.31
C ALA A 386 12.54 -4.43 15.73
N PHE A 387 11.30 -4.75 16.12
CA PHE A 387 10.90 -4.59 17.50
C PHE A 387 11.63 -5.57 18.40
N GLN A 388 11.54 -6.86 18.07
CA GLN A 388 12.20 -7.88 18.88
C GLN A 388 13.68 -7.99 18.60
N LEU A 389 14.17 -7.39 17.51
CA LEU A 389 15.61 -7.29 17.33
C LEU A 389 16.27 -6.42 18.38
N ALA A 390 15.51 -5.55 19.04
CA ALA A 390 16.05 -4.52 19.92
C ALA A 390 15.42 -4.56 21.31
N LYS A 391 14.22 -5.12 21.42
CA LYS A 391 13.53 -5.21 22.69
C LYS A 391 14.35 -6.00 23.70
N GLU A 392 15.03 -7.02 23.23
CA GLU A 392 15.98 -7.80 24.01
C GLU A 392 17.38 -7.71 23.45
N GLY A 393 17.52 -7.48 22.15
CA GLY A 393 18.81 -7.20 21.55
C GLY A 393 19.20 -5.75 21.73
N GLY A 394 20.06 -5.28 20.85
CA GLY A 394 20.52 -3.90 20.93
C GLY A 394 19.49 -2.94 20.37
N ILE A 395 19.25 -1.85 21.11
CA ILE A 395 18.34 -0.82 20.63
C ILE A 395 18.88 -0.15 19.38
N ALA A 396 20.20 0.00 19.29
CA ALA A 396 20.81 0.75 18.20
C ALA A 396 21.07 -0.09 16.98
N VAL A 397 21.30 -1.39 17.14
CA VAL A 397 21.57 -2.24 15.99
C VAL A 397 20.35 -2.31 15.09
N ALA A 398 19.16 -2.23 15.68
CA ALA A 398 17.93 -2.17 14.89
C ALA A 398 17.88 -0.90 14.07
N LEU A 399 18.08 0.24 14.74
CA LEU A 399 18.03 1.53 14.07
C LEU A 399 19.14 1.69 13.06
N SER A 400 20.23 0.93 13.22
CA SER A 400 21.32 0.97 12.25
C SER A 400 20.84 0.47 10.89
N MET A 401 20.14 -0.66 10.87
CA MET A 401 19.62 -1.22 9.65
C MET A 401 18.27 -0.63 9.26
N LEU A 402 17.64 0.13 10.14
CA LEU A 402 16.37 0.75 9.77
C LEU A 402 16.55 1.72 8.61
N ASN A 403 17.58 2.55 8.67
CA ASN A 403 17.84 3.45 7.54
C ASN A 403 18.43 2.71 6.37
N ASP A 404 19.04 1.55 6.60
CA ASP A 404 19.43 0.69 5.49
C ASP A 404 18.19 0.14 4.80
N GLY A 405 17.07 0.05 5.51
CA GLY A 405 15.81 -0.33 4.94
C GLY A 405 15.03 0.84 4.38
N LEU A 406 15.32 2.05 4.87
CA LEU A 406 14.60 3.23 4.42
C LEU A 406 15.36 3.91 3.28
N VAL A 407 16.68 3.80 3.28
CA VAL A 407 17.43 4.09 2.08
C VAL A 407 17.05 3.12 0.98
N SER A 408 16.59 1.92 1.36
CA SER A 408 16.03 0.98 0.40
C SER A 408 14.74 1.50 -0.21
N ALA A 409 13.97 2.26 0.56
CA ALA A 409 12.66 2.73 0.12
C ALA A 409 12.89 3.67 -1.06
N VAL A 410 12.05 3.56 -2.08
CA VAL A 410 12.22 4.38 -3.29
C VAL A 410 11.09 5.36 -3.59
N GLU A 411 9.92 5.13 -2.99
CA GLU A 411 8.78 6.01 -3.20
C GLU A 411 8.46 6.76 -1.93
N PRO A 412 7.78 7.91 -2.04
CA PRO A 412 7.28 8.58 -0.83
C PRO A 412 6.34 7.72 -0.03
N ARG A 413 5.59 6.85 -0.71
CA ARG A 413 4.80 5.85 -0.01
C ARG A 413 5.72 4.95 0.79
N ASP A 414 6.87 4.60 0.22
CA ASP A 414 7.78 3.71 0.89
C ASP A 414 8.59 4.46 1.94
N LYS A 415 8.88 5.73 1.70
CA LYS A 415 9.70 6.50 2.61
C LYS A 415 8.98 6.93 3.88
N PHE A 416 7.71 6.55 4.04
CA PHE A 416 6.89 6.97 5.17
C PHE A 416 6.94 5.94 6.28
N TYR A 417 6.60 4.70 5.95
CA TYR A 417 6.35 3.69 6.96
C TYR A 417 7.59 3.42 7.79
N TRP A 418 8.78 3.56 7.20
CA TRP A 418 10.00 3.31 7.94
C TRP A 418 10.17 4.35 9.05
N ARG A 419 9.94 5.61 8.73
CA ARG A 419 10.05 6.64 9.74
C ARG A 419 8.92 6.51 10.75
N LEU A 420 7.76 6.04 10.30
CA LEU A 420 6.64 5.78 11.21
C LEU A 420 7.01 4.73 12.23
N LEU A 421 7.44 3.58 11.77
CA LEU A 421 7.78 2.49 12.67
C LEU A 421 9.01 2.81 13.49
N SER A 422 9.86 3.72 13.03
CA SER A 422 10.94 4.19 13.90
C SER A 422 10.38 5.03 15.03
N ALA A 423 9.34 5.81 14.74
CA ALA A 423 8.63 6.51 15.79
C ALA A 423 8.07 5.51 16.80
N ASP A 424 7.48 4.44 16.29
CA ASP A 424 6.91 3.44 17.18
C ASP A 424 8.01 2.73 17.97
N LEU A 425 9.15 2.51 17.32
CA LEU A 425 10.31 1.91 17.96
C LEU A 425 10.72 2.73 19.16
N LEU A 426 11.11 3.97 18.91
CA LEU A 426 11.55 4.84 19.99
C LEU A 426 10.43 5.14 20.97
N ARG A 427 9.17 4.97 20.58
CA ARG A 427 8.08 5.02 21.54
C ARG A 427 8.16 3.88 22.51
N ALA A 428 8.55 2.70 22.03
CA ALA A 428 8.62 1.54 22.91
C ALA A 428 9.65 1.72 24.02
N ASN A 429 10.70 2.48 23.77
CA ASN A 429 11.78 2.66 24.72
C ASN A 429 11.54 3.80 25.70
N HIS A 430 10.29 4.27 25.82
CA HIS A 430 9.94 5.39 26.69
C HIS A 430 10.75 6.64 26.35
N LEU A 431 10.67 7.04 25.08
CA LEU A 431 11.31 8.25 24.55
C LEU A 431 10.22 9.07 23.84
N ASP A 432 9.13 9.31 24.59
CA ASP A 432 7.86 9.74 24.01
C ASP A 432 7.99 10.96 23.11
N ALA A 433 8.53 12.04 23.65
CA ALA A 433 8.46 13.33 22.97
C ALA A 433 9.64 13.60 22.04
N MET A 434 10.66 12.75 22.04
CA MET A 434 11.69 12.87 21.01
C MET A 434 11.11 12.66 19.64
N ALA A 435 10.23 11.66 19.58
CA ALA A 435 9.57 11.21 18.37
C ALA A 435 8.12 11.67 18.30
N GLY A 436 7.71 12.54 19.22
CA GLY A 436 6.38 13.09 19.19
C GLY A 436 6.41 14.00 17.97
N GLU A 437 7.46 14.81 17.90
CA GLU A 437 7.68 15.66 16.75
C GLU A 437 7.67 14.81 15.49
N GLN A 438 8.21 13.59 15.52
CA GLN A 438 8.17 12.81 14.30
C GLN A 438 6.76 12.35 13.97
N TYR A 439 5.90 12.25 14.97
CA TYR A 439 4.49 11.92 14.74
C TYR A 439 3.76 13.10 14.14
N GLN A 440 3.86 14.27 14.79
CA GLN A 440 3.09 15.42 14.35
C GLN A 440 3.60 15.97 13.04
N THR A 441 4.91 15.93 12.82
CA THR A 441 5.48 16.47 11.60
C THR A 441 5.06 15.67 10.38
N LEU A 442 4.69 14.40 10.58
CA LEU A 442 4.23 13.55 9.50
C LEU A 442 2.72 13.51 9.41
N LEU A 443 2.03 13.72 10.52
CA LEU A 443 0.58 13.93 10.49
C LEU A 443 0.21 15.10 9.61
N ASN A 444 1.10 16.07 9.49
CA ASN A 444 0.90 17.20 8.59
C ASN A 444 1.53 16.97 7.24
N GLN A 445 2.51 16.07 7.15
CA GLN A 445 3.10 15.74 5.87
C GLN A 445 2.23 14.77 5.07
N VAL A 446 1.12 14.31 5.64
CA VAL A 446 0.24 13.35 4.99
C VAL A 446 -1.07 13.98 4.54
N THR A 447 -1.64 14.87 5.35
CA THR A 447 -2.91 15.50 5.03
C THR A 447 -2.84 16.30 3.73
N THR A 448 -1.64 16.71 3.35
CA THR A 448 -1.37 17.32 2.05
C THR A 448 -1.84 16.51 0.86
N LEU A 449 -1.92 15.17 0.97
CA LEU A 449 -2.01 14.31 -0.22
C LEU A 449 -3.05 13.19 -0.03
N SER A 450 -4.25 13.57 0.46
CA SER A 450 -5.48 12.80 0.24
C SER A 450 -5.48 11.36 0.72
N VAL A 451 -4.47 10.97 1.47
CA VAL A 451 -4.46 9.66 2.09
C VAL A 451 -5.66 9.51 3.05
N PRO A 452 -6.25 10.57 3.60
CA PRO A 452 -7.48 10.38 4.39
C PRO A 452 -8.62 9.70 3.67
N GLU A 453 -8.65 9.67 2.35
CA GLU A 453 -9.61 8.86 1.60
C GLU A 453 -8.94 7.68 0.92
N TRP A 454 -7.73 7.35 1.36
CA TRP A 454 -6.92 6.34 0.72
C TRP A 454 -5.99 5.79 1.79
N GLU A 455 -6.40 4.70 2.41
CA GLU A 455 -5.82 4.23 3.67
C GLU A 455 -5.99 5.24 4.79
N PRO A 456 -7.23 5.52 5.22
CA PRO A 456 -7.43 6.45 6.35
C PRO A 456 -6.94 5.95 7.69
N SER A 457 -7.08 4.65 7.95
CA SER A 457 -6.70 4.05 9.24
C SER A 457 -5.25 4.39 9.59
N LEU A 458 -4.37 4.22 8.60
CA LEU A 458 -2.89 4.43 8.72
C LEU A 458 -2.66 5.71 9.50
N VAL A 459 -3.24 6.82 9.05
CA VAL A 459 -3.09 8.08 9.75
C VAL A 459 -4.06 8.21 10.91
N GLU A 460 -5.07 7.34 11.00
CA GLU A 460 -5.97 7.40 12.15
C GLU A 460 -5.26 6.97 13.43
N GLN A 461 -4.45 5.93 13.35
CA GLN A 461 -3.68 5.59 14.55
C GLN A 461 -2.55 6.57 14.81
N ILE A 462 -2.05 7.25 13.77
CA ILE A 462 -1.18 8.41 14.00
C ILE A 462 -1.93 9.46 14.80
N GLN A 463 -3.17 9.76 14.40
CA GLN A 463 -4.03 10.65 15.15
C GLN A 463 -4.21 10.18 16.58
N ARG A 464 -4.12 8.87 16.81
CA ARG A 464 -4.20 8.36 18.17
C ARG A 464 -2.95 8.63 18.98
N TYR A 465 -1.78 8.76 18.35
CA TYR A 465 -0.50 8.71 19.05
C TYR A 465 0.41 9.87 18.66
N THR A 466 -0.18 11.04 18.43
CA THR A 466 0.59 12.25 18.11
C THR A 466 0.59 13.18 19.30
N GLY B 376 4.26 -5.47 -7.29
CA GLY B 376 3.39 -5.25 -6.10
C GLY B 376 3.15 -6.52 -5.31
N GLY B 377 3.31 -6.48 -4.00
CA GLY B 377 3.31 -7.69 -3.21
C GLY B 377 2.00 -8.45 -3.24
N ASP B 378 0.96 -7.91 -2.63
CA ASP B 378 -0.34 -8.57 -2.68
C ASP B 378 -0.96 -8.43 -4.07
N TRP B 379 -0.65 -7.32 -4.76
CA TRP B 379 -1.05 -7.19 -6.15
C TRP B 379 -0.58 -8.39 -6.95
N GLN B 380 0.73 -8.66 -6.93
CA GLN B 380 1.24 -9.78 -7.70
C GLN B 380 0.90 -11.13 -7.08
N GLU B 381 0.63 -11.17 -5.78
CA GLU B 381 0.27 -12.43 -5.14
C GLU B 381 -1.08 -12.93 -5.70
N LYS B 382 -2.00 -12.02 -5.93
CA LYS B 382 -3.29 -12.38 -6.51
C LYS B 382 -3.30 -12.23 -8.04
N ARG B 383 -2.37 -11.45 -8.59
CA ARG B 383 -2.35 -11.23 -10.05
C ARG B 383 -2.08 -12.49 -10.88
N LYS B 384 -1.06 -13.25 -10.50
CA LYS B 384 -0.79 -14.50 -11.20
C LYS B 384 -1.70 -15.55 -10.60
N GLU B 385 -2.20 -15.31 -9.38
CA GLU B 385 -3.13 -16.28 -8.75
C GLU B 385 -4.44 -16.46 -9.54
N ALA B 386 -5.16 -15.38 -9.87
CA ALA B 386 -6.30 -15.51 -10.76
C ALA B 386 -5.98 -15.44 -12.25
N PHE B 387 -4.75 -15.08 -12.63
CA PHE B 387 -4.35 -15.15 -14.03
C PHE B 387 -4.28 -16.59 -14.49
N GLN B 388 -3.49 -17.41 -13.79
CA GLN B 388 -3.35 -18.80 -14.17
C GLN B 388 -4.53 -19.66 -13.74
N LEU B 389 -5.40 -19.16 -12.85
CA LEU B 389 -6.64 -19.87 -12.59
C LEU B 389 -7.56 -19.91 -13.81
N ALA B 390 -7.34 -19.02 -14.77
CA ALA B 390 -8.27 -18.82 -15.88
C ALA B 390 -7.58 -18.91 -17.23
N LYS B 391 -6.27 -18.66 -17.27
CA LYS B 391 -5.51 -18.72 -18.50
C LYS B 391 -5.60 -20.11 -19.13
N GLU B 392 -5.62 -21.14 -18.31
CA GLU B 392 -5.85 -22.50 -18.71
C GLU B 392 -7.11 -23.08 -18.10
N GLY B 393 -7.50 -22.59 -16.92
CA GLY B 393 -8.78 -22.94 -16.33
C GLY B 393 -9.90 -22.13 -16.94
N GLY B 394 -10.98 -22.00 -16.18
CA GLY B 394 -12.14 -21.25 -16.66
C GLY B 394 -11.91 -19.76 -16.53
N ILE B 395 -12.26 -19.03 -17.58
CA ILE B 395 -12.16 -17.57 -17.53
C ILE B 395 -13.14 -17.00 -16.51
N ALA B 396 -14.31 -17.61 -16.36
CA ALA B 396 -15.36 -17.07 -15.52
C ALA B 396 -15.24 -17.49 -14.08
N VAL B 397 -14.65 -18.65 -13.81
CA VAL B 397 -14.52 -19.10 -12.43
C VAL B 397 -13.60 -18.16 -11.66
N ALA B 398 -12.61 -17.59 -12.34
CA ALA B 398 -11.75 -16.60 -11.71
C ALA B 398 -12.54 -15.35 -11.35
N LEU B 399 -13.26 -14.81 -12.33
CA LEU B 399 -14.04 -13.60 -12.10
C LEU B 399 -15.16 -13.83 -11.10
N SER B 400 -15.59 -15.07 -10.92
CA SER B 400 -16.60 -15.38 -9.92
C SER B 400 -16.09 -15.06 -8.52
N MET B 401 -14.88 -15.51 -8.21
CA MET B 401 -14.27 -15.26 -6.92
C MET B 401 -13.57 -13.91 -6.84
N LEU B 402 -13.39 -13.24 -7.98
CA LEU B 402 -12.76 -11.92 -7.94
C LEU B 402 -13.60 -10.95 -7.14
N ASN B 403 -14.91 -10.93 -7.36
CA ASN B 403 -15.76 -10.05 -6.56
C ASN B 403 -15.96 -10.60 -5.16
N ASP B 404 -15.77 -11.90 -4.96
CA ASP B 404 -15.70 -12.43 -3.61
C ASP B 404 -14.47 -11.91 -2.88
N GLY B 405 -13.44 -11.55 -3.63
CA GLY B 405 -12.25 -10.94 -3.08
C GLY B 405 -12.36 -9.44 -2.98
N LEU B 406 -13.22 -8.84 -3.80
CA LEU B 406 -13.39 -7.39 -3.81
C LEU B 406 -14.52 -6.97 -2.88
N VAL B 407 -15.53 -7.82 -2.74
CA VAL B 407 -16.45 -7.66 -1.64
C VAL B 407 -15.72 -7.85 -0.32
N SER B 408 -14.60 -8.59 -0.34
CA SER B 408 -13.73 -8.69 0.82
C SER B 408 -13.06 -7.36 1.11
N ALA B 409 -12.77 -6.57 0.08
CA ALA B 409 -12.03 -5.33 0.24
C ALA B 409 -12.67 -4.38 1.25
N VAL B 410 -11.87 -3.86 2.17
CA VAL B 410 -12.39 -2.98 3.23
C VAL B 410 -12.39 -1.48 2.91
N GLU B 411 -11.28 -0.99 2.36
CA GLU B 411 -11.17 0.41 2.00
C GLU B 411 -11.18 0.78 0.53
N PRO B 412 -11.31 2.07 0.22
CA PRO B 412 -11.14 2.50 -1.19
C PRO B 412 -9.78 2.15 -1.74
N ARG B 413 -8.76 2.15 -0.89
CA ARG B 413 -7.47 1.62 -1.30
C ARG B 413 -7.59 0.17 -1.70
N ASP B 414 -8.40 -0.58 -0.94
CA ASP B 414 -8.55 -2.00 -1.22
C ASP B 414 -9.50 -2.22 -2.38
N LYS B 415 -10.50 -1.35 -2.53
CA LYS B 415 -11.50 -1.53 -3.56
C LYS B 415 -11.01 -1.17 -4.96
N PHE B 416 -9.75 -0.78 -5.10
CA PHE B 416 -9.19 -0.32 -6.36
C PHE B 416 -8.51 -1.47 -7.09
N TYR B 417 -7.57 -2.10 -6.42
CA TYR B 417 -6.66 -3.04 -7.07
C TYR B 417 -7.41 -4.21 -7.66
N TRP B 418 -8.52 -4.61 -7.05
CA TRP B 418 -9.28 -5.73 -7.56
C TRP B 418 -9.88 -5.40 -8.92
N ARG B 419 -10.46 -4.21 -9.03
CA ARG B 419 -11.02 -3.79 -10.31
C ARG B 419 -9.90 -3.56 -11.33
N LEU B 420 -8.75 -3.10 -10.85
CA LEU B 420 -7.59 -2.92 -11.72
C LEU B 420 -7.17 -4.24 -12.33
N LEU B 421 -6.91 -5.22 -11.48
CA LEU B 421 -6.46 -6.50 -11.96
C LEU B 421 -7.54 -7.23 -12.73
N SER B 422 -8.81 -6.90 -12.52
CA SER B 422 -9.85 -7.43 -13.38
C SER B 422 -9.73 -6.82 -14.77
N ALA B 423 -9.37 -5.54 -14.83
CA ALA B 423 -9.07 -4.93 -16.11
C ALA B 423 -7.94 -5.66 -16.79
N ASP B 424 -6.90 -5.98 -16.03
CA ASP B 424 -5.75 -6.68 -16.59
C ASP B 424 -6.15 -8.08 -17.02
N LEU B 425 -7.02 -8.71 -16.24
CA LEU B 425 -7.55 -10.03 -16.55
C LEU B 425 -8.20 -10.02 -17.92
N LEU B 426 -9.26 -9.23 -18.04
CA LEU B 426 -9.99 -9.16 -19.29
C LEU B 426 -9.14 -8.58 -20.41
N ARG B 427 -8.07 -7.86 -20.09
CA ARG B 427 -7.10 -7.49 -21.12
C ARG B 427 -6.40 -8.70 -21.67
N ALA B 428 -6.09 -9.66 -20.80
CA ALA B 428 -5.38 -10.85 -21.26
C ALA B 428 -6.18 -11.64 -22.28
N ASN B 429 -7.50 -11.60 -22.19
CA ASN B 429 -8.36 -12.39 -23.06
C ASN B 429 -8.70 -11.68 -24.37
N HIS B 430 -7.96 -10.65 -24.73
CA HIS B 430 -8.20 -9.86 -25.94
C HIS B 430 -9.63 -9.29 -25.94
N LEU B 431 -9.94 -8.55 -24.87
CA LEU B 431 -11.21 -7.84 -24.70
C LEU B 431 -10.88 -6.37 -24.39
N ASP B 432 -10.05 -5.79 -25.27
CA ASP B 432 -9.33 -4.55 -24.97
C ASP B 432 -10.25 -3.43 -24.49
N ALA B 433 -11.24 -3.08 -25.29
CA ALA B 433 -12.00 -1.87 -25.07
C ALA B 433 -13.22 -2.07 -24.17
N MET B 434 -13.56 -3.30 -23.81
CA MET B 434 -14.60 -3.49 -22.80
C MET B 434 -14.17 -2.89 -21.47
N ALA B 435 -12.89 -3.12 -21.17
CA ALA B 435 -12.24 -2.70 -19.95
C ALA B 435 -11.33 -1.50 -20.15
N GLY B 436 -11.41 -0.89 -21.33
CA GLY B 436 -10.64 0.31 -21.61
C GLY B 436 -11.32 1.35 -20.73
N GLU B 437 -12.64 1.37 -20.81
CA GLU B 437 -13.46 2.24 -20.00
C GLU B 437 -13.10 2.00 -18.53
N GLN B 438 -12.83 0.75 -18.13
CA GLN B 438 -12.50 0.55 -16.74
C GLN B 438 -11.14 1.13 -16.39
N TYR B 439 -10.25 1.25 -17.38
CA TYR B 439 -8.95 1.88 -17.18
C TYR B 439 -9.12 3.39 -17.05
N GLN B 440 -9.78 4.01 -18.01
CA GLN B 440 -9.87 5.46 -18.04
C GLN B 440 -10.76 5.98 -16.92
N THR B 441 -11.83 5.25 -16.60
CA THR B 441 -12.74 5.70 -15.56
C THR B 441 -12.09 5.71 -14.21
N LEU B 442 -11.04 4.92 -14.02
CA LEU B 442 -10.30 4.87 -12.77
C LEU B 442 -9.06 5.74 -12.80
N LEU B 443 -8.49 5.96 -13.98
CA LEU B 443 -7.44 6.96 -14.14
C LEU B 443 -7.92 8.33 -13.71
N ASN B 444 -9.21 8.59 -13.83
CA ASN B 444 -9.79 9.83 -13.35
C ASN B 444 -10.33 9.70 -11.95
N GLN B 445 -10.63 8.49 -11.50
CA GLN B 445 -11.06 8.29 -10.13
C GLN B 445 -9.91 8.31 -9.14
N VAL B 446 -8.67 8.43 -9.63
CA VAL B 446 -7.48 8.40 -8.78
C VAL B 446 -6.84 9.78 -8.67
N THR B 447 -6.79 10.53 -9.78
CA THR B 447 -6.16 11.84 -9.76
C THR B 447 -6.82 12.80 -8.80
N THR B 448 -8.08 12.53 -8.45
CA THR B 448 -8.81 13.23 -7.41
C THR B 448 -8.10 13.27 -6.06
N LEU B 449 -7.25 12.26 -5.74
CA LEU B 449 -6.82 12.02 -4.36
C LEU B 449 -5.31 11.74 -4.28
N SER B 450 -4.51 12.55 -4.96
CA SER B 450 -3.10 12.76 -4.61
C SER B 450 -2.21 11.53 -4.62
N VAL B 451 -2.71 10.41 -5.11
CA VAL B 451 -1.90 9.23 -5.28
C VAL B 451 -0.73 9.51 -6.25
N PRO B 452 -0.80 10.50 -7.16
CA PRO B 452 0.41 10.82 -7.94
C PRO B 452 1.64 11.19 -7.15
N GLU B 453 1.52 11.58 -5.89
CA GLU B 453 2.68 11.76 -5.02
C GLU B 453 2.72 10.68 -3.94
N TRP B 454 1.99 9.60 -4.14
CA TRP B 454 1.83 8.56 -3.16
C TRP B 454 1.53 7.29 -3.91
N GLU B 455 2.56 6.51 -4.19
CA GLU B 455 2.52 5.43 -5.16
C GLU B 455 2.20 5.95 -6.57
N PRO B 456 3.09 6.75 -7.17
CA PRO B 456 2.85 7.22 -8.54
C PRO B 456 2.90 6.16 -9.62
N SER B 457 3.80 5.17 -9.47
CA SER B 457 3.97 4.10 -10.47
C SER B 457 2.65 3.40 -10.78
N LEU B 458 1.92 3.07 -9.70
CA LEU B 458 0.62 2.33 -9.76
C LEU B 458 -0.22 2.93 -10.88
N VAL B 459 -0.43 4.25 -10.85
CA VAL B 459 -1.19 4.90 -11.90
C VAL B 459 -0.34 5.21 -13.12
N GLU B 460 0.98 5.11 -13.03
CA GLU B 460 1.81 5.32 -14.21
C GLU B 460 1.63 4.19 -15.21
N GLN B 461 1.57 2.95 -14.74
CA GLN B 461 1.28 1.89 -15.69
C GLN B 461 -0.18 1.90 -16.16
N ILE B 462 -1.09 2.44 -15.35
CA ILE B 462 -2.42 2.74 -15.86
C ILE B 462 -2.32 3.73 -17.02
N GLN B 463 -1.54 4.79 -16.83
CA GLN B 463 -1.27 5.75 -17.90
C GLN B 463 -0.69 5.04 -19.12
N ARG B 464 0.03 3.95 -18.91
CA ARG B 464 0.54 3.18 -20.05
C ARG B 464 -0.54 2.41 -20.79
N TYR B 465 -1.63 2.03 -20.12
CA TYR B 465 -2.56 1.04 -20.66
C TYR B 465 -4.00 1.50 -20.59
N THR B 466 -4.23 2.80 -20.79
CA THR B 466 -5.57 3.36 -20.80
C THR B 466 -5.98 3.70 -22.23
#